data_3PE7
#
_entry.id   3PE7
#
_cell.length_a   66.650
_cell.length_b   75.510
_cell.length_c   78.510
_cell.angle_alpha   90.00
_cell.angle_beta   90.00
_cell.angle_gamma   90.00
#
_symmetry.space_group_name_H-M   'P 21 21 21'
#
loop_
_entity.id
_entity.type
_entity.pdbx_description
1 polymer 'Oligogalacturonate lyase'
2 non-polymer 'MANGANESE (II) ION'
3 non-polymer 'CALCIUM ION'
4 non-polymer 'ACETATE ION'
5 water water
#
_entity_poly.entity_id   1
_entity_poly.type   'polypeptide(L)'
_entity_poly.pdbx_seq_one_letter_code
;MAKGKQIPLTFDTYQDASTGAQVTRLTPPDVTCHRNYFYQKCFTRDGSKLLFGGAFDGPWNYYLLDLNTQVATQLTEGRG
DNTFGGFLSPDDDALFYVKDGRNLMRVDLATLEENVVYQVPAEWVGYGTWVANSDCTKLVGIEIRREDWVPLTDWKKFHE
FYFTKPCCRLMRVDLKTGESTVILQENQWLGHPIYRPYDDSTVAFCHEGPHDLVDARMWLINEDGTNMRKVKTHAEGESC
THEFWVPDGSALVYVSYLKGSPDRFIYSADPETLENRQLTSMPACSHLMSNYDGSLMVGDGSDAPVDVQDDSGYKIENDP
FLYVFNMKNGTQHRVARHDTSWKVFEGDRQVTHPHPSFTPDDKQILFTSDVHGKPALYLATLPESVWK
;
_entity_poly.pdbx_strand_id   A
#
# COMPACT_ATOMS: atom_id res chain seq x y z
N MET A 1 -14.90 -9.41 22.49
CA MET A 1 -14.89 -9.44 20.99
C MET A 1 -14.48 -10.81 20.43
N ALA A 2 -14.77 -11.03 19.15
CA ALA A 2 -14.44 -12.26 18.42
C ALA A 2 -14.93 -12.06 16.98
N LYS A 3 -14.53 -12.97 16.11
CA LYS A 3 -15.01 -12.97 14.71
C LYS A 3 -16.55 -12.84 14.71
N GLY A 4 -17.05 -11.88 13.94
CA GLY A 4 -18.50 -11.67 13.81
C GLY A 4 -19.11 -10.67 14.78
N LYS A 5 -18.38 -10.32 15.84
CA LYS A 5 -18.91 -9.36 16.80
C LYS A 5 -18.90 -7.96 16.20
N GLN A 6 -19.85 -7.14 16.65
CA GLN A 6 -20.02 -5.80 16.13
C GLN A 6 -19.74 -4.81 17.24
N ILE A 7 -19.13 -3.69 16.89
CA ILE A 7 -18.93 -2.59 17.82
C ILE A 7 -19.31 -1.28 17.16
N PRO A 8 -20.05 -0.42 17.89
CA PRO A 8 -20.40 0.89 17.33
C PRO A 8 -19.27 1.88 17.51
N LEU A 9 -18.99 2.65 16.46
CA LEU A 9 -17.95 3.66 16.57
C LEU A 9 -18.54 5.05 16.51
N THR A 10 -17.92 5.98 17.22
CA THR A 10 -18.25 7.38 17.10
C THR A 10 -17.38 8.04 16.04
N PHE A 11 -17.99 8.86 15.19
CA PHE A 11 -17.26 9.59 14.14
C PHE A 11 -17.16 11.03 14.62
N ASP A 12 -15.94 11.52 14.79
CA ASP A 12 -15.75 12.85 15.34
C ASP A 12 -15.26 13.83 14.27
N THR A 13 -16.11 14.81 13.95
CA THR A 13 -15.89 15.71 12.83
C THR A 13 -15.48 17.11 13.31
N TYR A 14 -14.47 17.68 12.66
CA TYR A 14 -13.88 18.97 13.05
C TYR A 14 -13.25 19.64 11.83
N GLN A 15 -12.61 20.79 12.04
CA GLN A 15 -12.00 21.52 10.94
C GLN A 15 -10.49 21.49 11.11
N ASP A 16 -9.77 21.21 10.02
CA ASP A 16 -8.31 21.21 10.06
C ASP A 16 -7.74 22.55 10.56
N ALA A 17 -6.74 22.47 11.45
CA ALA A 17 -6.16 23.65 12.11
C ALA A 17 -5.50 24.64 11.15
N SER A 18 -4.98 24.12 10.03
CA SER A 18 -4.25 24.93 9.08
C SER A 18 -5.08 25.30 7.85
N THR A 19 -5.89 24.36 7.36
CA THR A 19 -6.56 24.55 6.07
C THR A 19 -8.07 24.78 6.16
N GLY A 20 -8.63 24.46 7.32
CA GLY A 20 -10.05 24.57 7.55
C GLY A 20 -10.89 23.47 6.92
N ALA A 21 -10.24 22.49 6.27
CA ALA A 21 -10.95 21.37 5.65
C ALA A 21 -11.72 20.54 6.67
N GLN A 22 -12.87 20.00 6.27
CA GLN A 22 -13.60 19.09 7.15
C GLN A 22 -12.84 17.76 7.27
N VAL A 23 -12.63 17.32 8.52
CA VAL A 23 -11.94 16.06 8.79
C VAL A 23 -12.81 15.27 9.76
N THR A 24 -12.96 13.98 9.49
CA THR A 24 -13.71 13.11 10.40
C THR A 24 -12.80 11.98 10.85
N ARG A 25 -12.65 11.83 12.16
CA ARG A 25 -11.95 10.69 12.74
C ARG A 25 -12.94 9.53 12.94
N LEU A 26 -12.56 8.37 12.45
CA LEU A 26 -13.49 7.23 12.37
C LEU A 26 -13.35 6.25 13.53
N THR A 27 -12.18 6.25 14.19
CA THR A 27 -11.87 5.25 15.20
C THR A 27 -11.38 5.94 16.48
N PRO A 28 -11.55 5.27 17.64
CA PRO A 28 -11.21 5.90 18.92
C PRO A 28 -9.70 5.80 19.22
N PRO A 29 -9.05 6.94 19.53
CA PRO A 29 -7.59 6.94 19.64
C PRO A 29 -7.06 6.35 20.94
N ASP A 30 -7.91 5.70 21.71
CA ASP A 30 -7.42 4.86 22.80
C ASP A 30 -7.29 3.42 22.37
N VAL A 31 -7.59 3.12 21.10
CA VAL A 31 -7.36 1.78 20.52
C VAL A 31 -6.57 1.97 19.22
N THR A 32 -5.47 1.23 19.06
CA THR A 32 -4.71 1.32 17.81
C THR A 32 -5.50 0.77 16.64
N CYS A 33 -5.79 1.65 15.67
CA CYS A 33 -6.45 1.26 14.42
C CYS A 33 -5.69 1.90 13.26
N HIS A 34 -5.62 1.22 12.14
CA HIS A 34 -4.89 1.77 11.01
C HIS A 34 -5.48 1.31 9.70
N ARG A 35 -5.29 2.12 8.66
CA ARG A 35 -5.72 1.71 7.32
C ARG A 35 -4.74 0.70 6.72
N ASN A 36 -5.14 0.02 5.64
CA ASN A 36 -4.26 -0.93 4.95
C ASN A 36 -3.26 -0.22 4.02
N TYR A 37 -2.43 -0.98 3.32
CA TYR A 37 -1.53 -0.35 2.36
C TYR A 37 -2.34 0.34 1.25
N PHE A 38 -1.87 1.50 0.82
CA PHE A 38 -2.66 2.42 -0.01
C PHE A 38 -3.01 1.89 -1.39
N TYR A 39 -2.23 0.94 -1.89
CA TYR A 39 -2.48 0.39 -3.24
C TYR A 39 -3.44 -0.81 -3.24
N GLN A 40 -3.82 -1.27 -2.04
CA GLN A 40 -4.73 -2.43 -1.86
C GLN A 40 -6.17 -1.96 -1.63
N LYS A 41 -7.13 -2.60 -2.31
CA LYS A 41 -8.54 -2.19 -2.17
C LYS A 41 -9.05 -2.33 -0.74
N CYS A 42 -9.55 -1.22 -0.17
CA CYS A 42 -10.17 -1.24 1.17
C CYS A 42 -11.60 -0.71 1.25
N PHE A 43 -12.03 0.09 0.27
CA PHE A 43 -13.41 0.52 0.19
C PHE A 43 -14.19 -0.41 -0.72
N THR A 44 -15.44 -0.71 -0.36
CA THR A 44 -16.33 -1.41 -1.30
C THR A 44 -16.62 -0.47 -2.48
N ARG A 45 -17.07 -1.01 -3.58
CA ARG A 45 -17.23 -0.22 -4.82
C ARG A 45 -18.15 1.00 -4.65
N ASP A 46 -19.19 0.87 -3.84
CA ASP A 46 -20.13 1.97 -3.62
C ASP A 46 -19.68 2.95 -2.51
N GLY A 47 -18.49 2.70 -1.96
CA GLY A 47 -17.90 3.61 -0.97
C GLY A 47 -18.52 3.53 0.41
N SER A 48 -19.40 2.55 0.65
CA SER A 48 -20.17 2.53 1.90
C SER A 48 -19.52 1.75 3.03
N LYS A 49 -18.59 0.86 2.68
CA LYS A 49 -17.92 0.05 3.71
C LYS A 49 -16.41 0.13 3.57
N LEU A 50 -15.72 -0.01 4.70
CA LEU A 50 -14.25 0.19 4.74
C LEU A 50 -13.55 -0.88 5.58
N LEU A 51 -12.62 -1.58 4.95
CA LEU A 51 -11.71 -2.54 5.59
C LEU A 51 -10.61 -1.78 6.34
N PHE A 52 -10.35 -2.21 7.58
CA PHE A 52 -9.25 -1.63 8.38
C PHE A 52 -8.73 -2.61 9.43
N GLY A 53 -7.64 -2.25 10.08
CA GLY A 53 -7.06 -3.08 11.15
C GLY A 53 -7.29 -2.38 12.47
N GLY A 54 -7.66 -3.15 13.48
CA GLY A 54 -7.97 -2.59 14.80
C GLY A 54 -7.56 -3.54 15.91
N ALA A 55 -7.34 -2.97 17.10
CA ALA A 55 -6.81 -3.75 18.22
C ALA A 55 -7.84 -4.06 19.30
N PHE A 56 -9.14 -3.93 18.99
CA PHE A 56 -10.19 -4.02 20.01
C PHE A 56 -10.18 -5.34 20.80
N ASP A 57 -9.94 -6.45 20.08
CA ASP A 57 -9.97 -7.81 20.67
C ASP A 57 -8.68 -8.15 21.42
N GLY A 58 -7.66 -7.30 21.27
CA GLY A 58 -6.35 -7.53 21.90
C GLY A 58 -5.22 -7.43 20.88
N PRO A 59 -5.13 -8.42 19.98
CA PRO A 59 -4.17 -8.27 18.89
C PRO A 59 -4.74 -7.38 17.79
N TRP A 60 -3.98 -7.20 16.72
CA TRP A 60 -4.47 -6.44 15.55
C TRP A 60 -5.15 -7.40 14.58
N ASN A 61 -6.43 -7.12 14.30
CA ASN A 61 -7.24 -7.96 13.41
C ASN A 61 -7.96 -7.10 12.38
N TYR A 62 -8.53 -7.76 11.36
CA TYR A 62 -9.34 -7.01 10.38
C TYR A 62 -10.77 -6.75 10.83
N TYR A 63 -11.28 -5.58 10.43
CA TYR A 63 -12.65 -5.15 10.67
C TYR A 63 -13.24 -4.58 9.40
N LEU A 64 -14.56 -4.69 9.24
CA LEU A 64 -15.24 -3.96 8.17
C LEU A 64 -16.14 -2.93 8.80
N LEU A 65 -15.91 -1.67 8.46
CA LEU A 65 -16.66 -0.55 9.02
C LEU A 65 -17.76 -0.14 8.04
N ASP A 66 -19.00 -0.16 8.52
CA ASP A 66 -20.14 0.38 7.75
C ASP A 66 -20.17 1.89 8.01
N LEU A 67 -19.88 2.67 6.98
CA LEU A 67 -19.71 4.13 7.16
C LEU A 67 -21.03 4.87 7.36
N ASN A 68 -22.14 4.20 7.04
CA ASN A 68 -23.45 4.80 7.24
C ASN A 68 -23.96 4.52 8.64
N THR A 69 -23.70 3.30 9.09
CA THR A 69 -24.26 2.81 10.33
C THR A 69 -23.27 3.05 11.50
N GLN A 70 -22.02 3.25 11.13
CA GLN A 70 -20.88 3.42 12.06
C GLN A 70 -20.62 2.16 12.88
N VAL A 71 -21.06 1.01 12.39
CA VAL A 71 -20.76 -0.24 13.05
C VAL A 71 -19.61 -0.96 12.36
N ALA A 72 -18.65 -1.41 13.17
CA ALA A 72 -17.52 -2.22 12.69
C ALA A 72 -17.76 -3.69 13.06
N THR A 73 -17.60 -4.56 12.07
CA THR A 73 -17.70 -5.99 12.34
C THR A 73 -16.31 -6.60 12.31
N GLN A 74 -15.96 -7.36 13.35
CA GLN A 74 -14.68 -8.06 13.39
C GLN A 74 -14.69 -9.20 12.40
N LEU A 75 -13.71 -9.21 11.50
CA LEU A 75 -13.63 -10.17 10.40
C LEU A 75 -12.72 -11.35 10.70
N THR A 76 -11.61 -11.08 11.37
CA THR A 76 -10.63 -12.13 11.68
C THR A 76 -10.31 -12.08 13.19
N GLU A 77 -9.75 -13.18 13.70
CA GLU A 77 -9.39 -13.26 15.10
C GLU A 77 -8.09 -14.03 15.29
N GLY A 78 -7.45 -13.81 16.43
CA GLY A 78 -6.21 -14.50 16.74
C GLY A 78 -4.99 -13.61 16.59
N ARG A 79 -3.81 -14.19 16.81
CA ARG A 79 -2.59 -13.38 17.00
C ARG A 79 -1.64 -13.16 15.80
N GLY A 80 -1.93 -13.74 14.65
CA GLY A 80 -0.98 -13.70 13.54
C GLY A 80 -1.41 -13.00 12.26
N ASP A 81 -2.34 -12.04 12.36
CA ASP A 81 -2.80 -11.35 11.15
C ASP A 81 -1.81 -10.28 10.73
N ASN A 82 -1.51 -10.24 9.43
CA ASN A 82 -0.86 -9.06 8.86
C ASN A 82 -1.99 -8.18 8.39
N THR A 83 -2.20 -7.08 9.12
CA THR A 83 -3.34 -6.19 8.88
C THR A 83 -3.05 -5.11 7.84
N PHE A 84 -1.91 -5.21 7.18
CA PHE A 84 -1.57 -4.18 6.20
C PHE A 84 -1.78 -4.63 4.77
N GLY A 85 -1.46 -5.89 4.49
CA GLY A 85 -1.44 -6.38 3.12
C GLY A 85 -2.80 -6.78 2.55
N GLY A 86 -3.83 -6.76 3.39
CA GLY A 86 -5.13 -7.34 3.02
C GLY A 86 -5.89 -6.48 2.03
N PHE A 87 -6.75 -7.12 1.25
CA PHE A 87 -7.55 -6.40 0.25
C PHE A 87 -8.91 -7.05 0.06
N LEU A 88 -9.86 -6.25 -0.37
CA LEU A 88 -11.19 -6.74 -0.75
C LEU A 88 -11.17 -7.21 -2.19
N SER A 89 -11.96 -8.23 -2.49
CA SER A 89 -12.11 -8.70 -3.86
C SER A 89 -12.87 -7.64 -4.70
N PRO A 90 -12.76 -7.73 -6.04
CA PRO A 90 -13.53 -6.78 -6.88
C PRO A 90 -15.01 -6.73 -6.58
N ASP A 91 -15.61 -7.90 -6.32
CA ASP A 91 -17.05 -7.99 -6.09
C ASP A 91 -17.48 -7.66 -4.65
N ASP A 92 -16.54 -7.21 -3.81
CA ASP A 92 -16.87 -6.84 -2.42
C ASP A 92 -17.33 -8.01 -1.53
N ASP A 93 -17.05 -9.23 -1.95
CA ASP A 93 -17.58 -10.38 -1.24
C ASP A 93 -16.55 -11.18 -0.46
N ALA A 94 -15.28 -10.79 -0.59
CA ALA A 94 -14.20 -11.52 0.09
C ALA A 94 -13.08 -10.60 0.59
N LEU A 95 -12.40 -11.05 1.64
CA LEU A 95 -11.15 -10.44 2.08
C LEU A 95 -10.03 -11.45 1.86
N PHE A 96 -8.92 -11.00 1.28
CA PHE A 96 -7.69 -11.80 1.20
C PHE A 96 -6.63 -11.19 2.11
N TYR A 97 -5.94 -12.03 2.89
CA TYR A 97 -4.90 -11.55 3.78
C TYR A 97 -3.98 -12.70 4.14
N VAL A 98 -2.84 -12.37 4.74
CA VAL A 98 -1.86 -13.38 5.17
C VAL A 98 -1.90 -13.58 6.70
N LYS A 99 -2.02 -14.83 7.10
CA LYS A 99 -2.04 -15.21 8.51
C LYS A 99 -0.78 -16.00 8.81
N ASP A 100 -0.16 -15.67 9.95
CA ASP A 100 1.03 -16.37 10.44
C ASP A 100 2.19 -16.34 9.47
N GLY A 101 2.28 -15.28 8.66
CA GLY A 101 3.35 -15.10 7.70
C GLY A 101 3.32 -15.98 6.47
N ARG A 102 2.56 -17.08 6.49
CA ARG A 102 2.70 -18.14 5.48
C ARG A 102 1.40 -18.53 4.76
N ASN A 103 0.27 -18.29 5.41
CA ASN A 103 -1.01 -18.77 4.91
C ASN A 103 -1.80 -17.66 4.25
N LEU A 104 -1.93 -17.72 2.92
CA LEU A 104 -2.76 -16.77 2.20
C LEU A 104 -4.21 -17.22 2.35
N MET A 105 -5.02 -16.38 3.01
CA MET A 105 -6.38 -16.72 3.39
C MET A 105 -7.39 -15.96 2.55
N ARG A 106 -8.54 -16.59 2.33
CA ARG A 106 -9.73 -15.93 1.77
C ARG A 106 -10.85 -16.00 2.78
N VAL A 107 -11.40 -14.84 3.12
CA VAL A 107 -12.52 -14.77 4.05
C VAL A 107 -13.79 -14.41 3.28
N ASP A 108 -14.80 -15.27 3.37
CA ASP A 108 -16.13 -14.98 2.82
C ASP A 108 -16.77 -13.91 3.69
N LEU A 109 -17.08 -12.75 3.11
CA LEU A 109 -17.57 -11.63 3.93
C LEU A 109 -19.00 -11.80 4.44
N ALA A 110 -19.77 -12.70 3.82
CA ALA A 110 -21.13 -12.97 4.26
C ALA A 110 -21.14 -13.91 5.47
N THR A 111 -20.36 -14.99 5.39
CA THR A 111 -20.35 -16.04 6.41
C THR A 111 -19.21 -15.91 7.41
N LEU A 112 -18.14 -15.22 6.99
CA LEU A 112 -16.86 -15.08 7.72
C LEU A 112 -16.06 -16.39 7.80
N GLU A 113 -16.50 -17.40 7.04
CA GLU A 113 -15.70 -18.61 6.90
C GLU A 113 -14.39 -18.33 6.15
N GLU A 114 -13.30 -18.95 6.58
CA GLU A 114 -12.01 -18.77 5.93
C GLU A 114 -11.52 -20.04 5.24
N ASN A 115 -10.77 -19.87 4.16
CA ASN A 115 -10.12 -20.97 3.46
C ASN A 115 -8.67 -20.61 3.24
N VAL A 116 -7.75 -21.56 3.45
CA VAL A 116 -6.37 -21.27 3.06
C VAL A 116 -6.18 -21.55 1.57
N VAL A 117 -5.88 -20.49 0.83
CA VAL A 117 -5.76 -20.60 -0.62
C VAL A 117 -4.39 -21.13 -1.01
N TYR A 118 -3.35 -20.68 -0.31
CA TYR A 118 -1.98 -21.08 -0.63
C TYR A 118 -1.15 -20.96 0.63
N GLN A 119 -0.24 -21.92 0.83
CA GLN A 119 0.73 -21.87 1.92
C GLN A 119 2.15 -21.80 1.38
N VAL A 120 2.91 -20.79 1.82
CA VAL A 120 4.31 -20.71 1.46
C VAL A 120 4.97 -21.98 2.01
N PRO A 121 5.68 -22.72 1.14
CA PRO A 121 6.24 -24.01 1.60
C PRO A 121 7.39 -23.83 2.61
N ALA A 122 7.71 -24.91 3.32
CA ALA A 122 8.65 -24.93 4.47
C ALA A 122 10.00 -24.25 4.28
N GLU A 123 10.59 -24.44 3.10
CA GLU A 123 11.96 -24.01 2.84
C GLU A 123 12.06 -22.54 2.42
N TRP A 124 10.92 -21.85 2.46
CA TRP A 124 10.80 -20.47 1.99
C TRP A 124 10.04 -19.63 3.00
N VAL A 125 10.22 -18.31 2.90
CA VAL A 125 9.54 -17.33 3.75
C VAL A 125 8.90 -16.28 2.83
N GLY A 126 7.60 -16.03 3.02
CA GLY A 126 6.92 -14.96 2.29
C GLY A 126 7.53 -13.61 2.65
N TYR A 127 7.76 -12.79 1.63
CA TYR A 127 8.28 -11.44 1.82
C TYR A 127 7.35 -10.40 1.18
N GLY A 128 6.96 -9.41 1.95
CA GLY A 128 6.10 -8.33 1.46
C GLY A 128 4.66 -8.73 1.19
N THR A 129 4.02 -8.00 0.28
CA THR A 129 2.58 -8.06 0.09
C THR A 129 2.22 -8.86 -1.17
N TRP A 130 1.25 -9.74 -1.07
CA TRP A 130 0.73 -10.46 -2.25
C TRP A 130 -0.29 -9.56 -2.94
N VAL A 131 -0.19 -9.44 -4.27
CA VAL A 131 -1.06 -8.50 -5.01
C VAL A 131 -1.82 -9.24 -6.09
N ALA A 132 -3.13 -9.00 -6.19
CA ALA A 132 -3.96 -9.71 -7.16
C ALA A 132 -3.96 -9.03 -8.51
N ASN A 133 -4.29 -9.82 -9.54
CA ASN A 133 -4.66 -9.25 -10.83
C ASN A 133 -6.06 -8.61 -10.76
N SER A 134 -6.43 -7.84 -11.78
CA SER A 134 -7.71 -7.12 -11.74
C SER A 134 -8.91 -8.06 -11.61
N ASP A 135 -8.81 -9.22 -12.28
CA ASP A 135 -9.86 -10.23 -12.23
C ASP A 135 -9.97 -10.97 -10.89
N CYS A 136 -8.95 -10.81 -10.05
CA CYS A 136 -8.82 -11.49 -8.75
C CYS A 136 -8.90 -13.02 -8.93
N THR A 137 -8.07 -13.51 -9.85
CA THR A 137 -7.95 -14.94 -10.11
C THR A 137 -6.53 -15.45 -9.87
N LYS A 138 -5.58 -14.51 -9.76
CA LYS A 138 -4.14 -14.81 -9.59
C LYS A 138 -3.50 -13.79 -8.63
N LEU A 139 -2.43 -14.22 -7.96
CA LEU A 139 -1.64 -13.33 -7.08
C LEU A 139 -0.18 -13.39 -7.47
N VAL A 140 0.52 -12.27 -7.30
CA VAL A 140 1.99 -12.28 -7.33
C VAL A 140 2.54 -11.91 -5.96
N GLY A 141 3.68 -12.50 -5.61
CA GLY A 141 4.36 -12.22 -4.34
C GLY A 141 5.78 -12.73 -4.37
N ILE A 142 6.55 -12.39 -3.34
CA ILE A 142 7.95 -12.82 -3.23
C ILE A 142 8.11 -13.86 -2.14
N GLU A 143 8.88 -14.90 -2.43
CA GLU A 143 9.32 -15.84 -1.39
C GLU A 143 10.84 -15.85 -1.35
N ILE A 144 11.40 -15.89 -0.15
CA ILE A 144 12.85 -15.85 0.05
C ILE A 144 13.27 -17.17 0.68
N ARG A 145 14.37 -17.74 0.22
CA ARG A 145 14.81 -19.02 0.77
C ARG A 145 15.05 -18.84 2.27
N ARG A 146 14.56 -19.77 3.07
CA ARG A 146 14.65 -19.66 4.54
C ARG A 146 16.10 -19.44 5.00
N GLU A 147 17.03 -20.18 4.40
CA GLU A 147 18.46 -20.05 4.69
C GLU A 147 18.98 -18.63 4.56
N ASP A 148 18.36 -17.89 3.63
CA ASP A 148 18.77 -16.53 3.31
C ASP A 148 17.94 -15.48 4.04
N TRP A 149 16.84 -15.89 4.66
CA TRP A 149 15.95 -14.95 5.32
C TRP A 149 16.40 -14.62 6.74
N VAL A 150 16.28 -13.35 7.11
CA VAL A 150 16.39 -12.91 8.49
C VAL A 150 15.24 -11.94 8.77
N PRO A 151 14.72 -11.90 10.01
CA PRO A 151 13.68 -10.93 10.37
C PRO A 151 14.20 -9.49 10.22
N LEU A 152 13.49 -8.66 9.46
CA LEU A 152 13.99 -7.32 9.16
C LEU A 152 13.32 -6.31 10.08
N THR A 153 13.70 -6.39 11.36
CA THR A 153 12.95 -5.72 12.41
C THR A 153 13.38 -4.28 12.68
N ASP A 154 14.47 -3.86 12.05
CA ASP A 154 14.93 -2.46 12.12
C ASP A 154 15.63 -2.09 10.80
N TRP A 155 15.93 -0.81 10.65
CA TRP A 155 16.48 -0.30 9.39
C TRP A 155 17.93 -0.67 9.10
N LYS A 156 18.72 -0.94 10.14
CA LYS A 156 20.06 -1.50 9.96
C LYS A 156 20.03 -2.91 9.34
N LYS A 157 19.15 -3.77 9.85
CA LYS A 157 18.97 -5.10 9.28
C LYS A 157 18.53 -4.98 7.82
N PHE A 158 17.59 -4.07 7.57
CA PHE A 158 17.06 -3.84 6.22
C PHE A 158 18.15 -3.38 5.26
N HIS A 159 19.03 -2.50 5.75
CA HIS A 159 20.18 -2.04 4.96
C HIS A 159 21.16 -3.15 4.62
N GLU A 160 21.60 -3.89 5.64
CA GLU A 160 22.60 -4.95 5.49
C GLU A 160 22.11 -6.14 4.68
N PHE A 161 20.79 -6.38 4.72
CA PHE A 161 20.20 -7.53 4.05
C PHE A 161 20.49 -7.51 2.54
N TYR A 162 20.46 -6.30 1.97
CA TYR A 162 20.69 -6.10 0.54
C TYR A 162 22.00 -6.74 0.05
N PHE A 163 23.06 -6.60 0.87
CA PHE A 163 24.39 -7.07 0.47
C PHE A 163 24.55 -8.58 0.53
N THR A 164 23.61 -9.27 1.17
CA THR A 164 23.65 -10.73 1.29
C THR A 164 23.23 -11.47 0.02
N LYS A 165 22.68 -10.73 -0.96
CA LYS A 165 22.21 -11.34 -2.21
C LYS A 165 21.30 -12.54 -1.97
N PRO A 166 20.18 -12.33 -1.27
CA PRO A 166 19.29 -13.44 -0.93
C PRO A 166 18.64 -14.04 -2.17
N CYS A 167 18.40 -15.34 -2.12
CA CYS A 167 17.68 -16.04 -3.18
C CYS A 167 16.19 -15.75 -3.06
N CYS A 168 15.66 -15.01 -4.03
CA CYS A 168 14.26 -14.63 -4.06
C CYS A 168 13.62 -15.16 -5.32
N ARG A 169 12.39 -15.63 -5.17
CA ARG A 169 11.58 -16.00 -6.31
C ARG A 169 10.27 -15.21 -6.34
N LEU A 170 9.95 -14.74 -7.54
CA LEU A 170 8.70 -14.04 -7.80
C LEU A 170 7.69 -15.11 -8.18
N MET A 171 6.70 -15.30 -7.32
CA MET A 171 5.73 -16.37 -7.47
C MET A 171 4.44 -15.86 -8.06
N ARG A 172 3.79 -16.68 -8.87
CA ARG A 172 2.40 -16.41 -9.13
C ARG A 172 1.54 -17.58 -8.68
N VAL A 173 0.44 -17.24 -8.05
CA VAL A 173 -0.47 -18.19 -7.42
C VAL A 173 -1.84 -18.12 -8.08
N ASP A 174 -2.38 -19.28 -8.44
CA ASP A 174 -3.74 -19.40 -8.96
C ASP A 174 -4.72 -19.50 -7.81
N LEU A 175 -5.66 -18.55 -7.74
CA LEU A 175 -6.60 -18.49 -6.64
C LEU A 175 -7.68 -19.57 -6.63
N LYS A 176 -7.97 -20.14 -7.79
CA LYS A 176 -8.97 -21.22 -7.90
C LYS A 176 -8.38 -22.59 -7.56
N THR A 177 -7.18 -22.84 -8.07
CA THR A 177 -6.55 -24.16 -7.96
C THR A 177 -5.56 -24.22 -6.79
N GLY A 178 -4.93 -23.09 -6.49
CA GLY A 178 -3.92 -23.05 -5.45
C GLY A 178 -2.57 -23.44 -5.98
N GLU A 179 -2.48 -23.69 -7.29
CA GLU A 179 -1.21 -24.01 -7.92
C GLU A 179 -0.33 -22.78 -7.98
N SER A 180 0.98 -23.01 -7.86
CA SER A 180 1.97 -21.93 -7.91
C SER A 180 3.01 -22.13 -9.03
N THR A 181 3.50 -21.01 -9.58
CA THR A 181 4.51 -21.02 -10.63
C THR A 181 5.60 -19.97 -10.36
N VAL A 182 6.85 -20.36 -10.55
CA VAL A 182 7.95 -19.41 -10.44
C VAL A 182 8.03 -18.61 -11.72
N ILE A 183 7.94 -17.29 -11.61
CA ILE A 183 8.07 -16.41 -12.76
C ILE A 183 9.55 -16.06 -12.94
N LEU A 184 10.25 -15.89 -11.83
CA LEU A 184 11.64 -15.43 -11.81
C LEU A 184 12.30 -15.84 -10.51
N GLN A 185 13.56 -16.25 -10.59
CA GLN A 185 14.34 -16.56 -9.38
C GLN A 185 15.77 -16.09 -9.58
N GLU A 186 16.24 -15.25 -8.66
CA GLU A 186 17.57 -14.64 -8.71
C GLU A 186 18.17 -14.52 -7.33
N ASN A 187 19.50 -14.45 -7.26
CA ASN A 187 20.20 -14.17 -6.00
C ASN A 187 20.41 -12.68 -5.82
N GLN A 188 19.30 -11.95 -5.81
CA GLN A 188 19.30 -10.54 -5.40
C GLN A 188 17.92 -10.22 -4.81
N TRP A 189 17.87 -9.20 -3.98
CA TRP A 189 16.65 -8.89 -3.24
C TRP A 189 15.57 -8.35 -4.19
N LEU A 190 14.53 -9.15 -4.39
CA LEU A 190 13.37 -8.74 -5.20
C LEU A 190 12.22 -8.33 -4.30
N GLY A 191 11.46 -7.34 -4.75
CA GLY A 191 10.37 -6.81 -3.93
C GLY A 191 9.21 -6.27 -4.74
N HIS A 192 8.13 -5.95 -4.01
CA HIS A 192 6.96 -5.22 -4.52
C HIS A 192 6.47 -5.68 -5.90
N PRO A 193 6.17 -6.98 -6.07
CA PRO A 193 5.60 -7.35 -7.38
C PRO A 193 4.14 -6.90 -7.46
N ILE A 194 3.76 -6.32 -8.60
CA ILE A 194 2.41 -5.78 -8.77
C ILE A 194 1.95 -6.07 -10.20
N TYR A 195 0.88 -6.85 -10.34
CA TYR A 195 0.21 -7.03 -11.65
C TYR A 195 -0.18 -5.66 -12.22
N ARG A 196 0.03 -5.44 -13.51
CA ARG A 196 -0.53 -4.26 -14.17
C ARG A 196 -2.05 -4.41 -14.21
N PRO A 197 -2.80 -3.43 -13.68
CA PRO A 197 -4.25 -3.53 -13.80
C PRO A 197 -4.69 -3.75 -15.25
N TYR A 198 -5.58 -4.72 -15.46
CA TYR A 198 -6.18 -5.06 -16.78
C TYR A 198 -5.20 -5.58 -17.80
N ASP A 199 -3.99 -5.95 -17.36
CA ASP A 199 -2.99 -6.55 -18.24
C ASP A 199 -2.16 -7.60 -17.47
N ASP A 200 -2.71 -8.80 -17.36
CA ASP A 200 -2.01 -9.89 -16.69
C ASP A 200 -0.66 -10.25 -17.29
N SER A 201 -0.42 -9.85 -18.54
CA SER A 201 0.84 -10.15 -19.20
C SER A 201 2.01 -9.31 -18.67
N THR A 202 1.73 -8.27 -17.88
CA THR A 202 2.77 -7.38 -17.37
C THR A 202 2.82 -7.36 -15.83
N VAL A 203 4.00 -7.69 -15.30
CA VAL A 203 4.23 -7.60 -13.85
C VAL A 203 5.38 -6.64 -13.57
N ALA A 204 5.14 -5.64 -12.73
CA ALA A 204 6.20 -4.75 -12.28
C ALA A 204 6.74 -5.33 -10.99
N PHE A 205 8.03 -5.09 -10.73
CA PHE A 205 8.66 -5.49 -9.45
C PHE A 205 9.92 -4.66 -9.27
N CYS A 206 10.50 -4.71 -8.08
CA CYS A 206 11.68 -3.89 -7.81
C CYS A 206 12.91 -4.69 -7.39
N HIS A 207 14.05 -4.04 -7.52
CA HIS A 207 15.26 -4.47 -6.82
C HIS A 207 15.26 -3.68 -5.53
N GLU A 208 14.98 -4.37 -4.43
CA GLU A 208 14.92 -3.75 -3.10
C GLU A 208 16.35 -3.49 -2.60
N GLY A 209 16.48 -2.47 -1.74
CA GLY A 209 17.78 -2.11 -1.20
C GLY A 209 17.97 -0.61 -1.20
N PRO A 210 19.11 -0.14 -0.69
CA PRO A 210 19.41 1.29 -0.59
C PRO A 210 19.19 1.99 -1.92
N HIS A 211 18.47 3.10 -1.89
CA HIS A 211 18.04 3.83 -3.09
C HIS A 211 19.19 4.23 -3.99
N ASP A 212 20.32 4.57 -3.39
CA ASP A 212 21.47 5.07 -4.13
C ASP A 212 22.46 3.98 -4.53
N LEU A 213 22.15 2.74 -4.16
CA LEU A 213 23.05 1.62 -4.47
C LEU A 213 22.52 0.66 -5.52
N VAL A 214 21.19 0.50 -5.57
CA VAL A 214 20.61 -0.46 -6.51
C VAL A 214 20.96 -0.08 -7.95
N ASP A 215 21.27 -1.10 -8.76
CA ASP A 215 21.51 -0.93 -10.19
C ASP A 215 20.35 -0.17 -10.87
N ALA A 216 19.14 -0.62 -10.62
CA ALA A 216 17.92 0.05 -11.09
C ALA A 216 16.79 -0.42 -10.20
N ARG A 217 15.97 0.54 -9.79
CA ARG A 217 14.87 0.25 -8.91
C ARG A 217 13.80 -0.59 -9.60
N MET A 218 13.32 -0.11 -10.75
CA MET A 218 12.04 -0.56 -11.31
C MET A 218 12.22 -1.46 -12.53
N TRP A 219 11.52 -2.58 -12.51
CA TRP A 219 11.58 -3.59 -13.56
C TRP A 219 10.19 -4.04 -13.99
N LEU A 220 10.10 -4.50 -15.23
CA LEU A 220 8.91 -5.18 -15.70
C LEU A 220 9.32 -6.56 -16.17
N ILE A 221 8.39 -7.50 -16.10
CA ILE A 221 8.60 -8.82 -16.70
C ILE A 221 7.26 -9.32 -17.20
N ASN A 222 7.28 -10.14 -18.24
CA ASN A 222 6.07 -10.81 -18.68
C ASN A 222 5.66 -11.87 -17.67
N GLU A 223 4.36 -12.15 -17.63
CA GLU A 223 3.81 -13.15 -16.72
C GLU A 223 4.47 -14.51 -16.87
N ASP A 224 4.91 -14.84 -18.09
CA ASP A 224 5.51 -16.16 -18.33
C ASP A 224 7.02 -16.18 -18.04
N GLY A 225 7.54 -15.07 -17.49
CA GLY A 225 8.97 -14.97 -17.16
C GLY A 225 9.86 -14.40 -18.25
N THR A 226 9.31 -14.20 -19.45
CA THR A 226 10.10 -13.64 -20.54
C THR A 226 10.19 -12.12 -20.48
N ASN A 227 11.16 -11.57 -21.21
CA ASN A 227 11.24 -10.14 -21.50
C ASN A 227 11.41 -9.29 -20.25
N MET A 228 12.31 -9.70 -19.38
CA MET A 228 12.63 -8.90 -18.21
C MET A 228 13.37 -7.65 -18.64
N ARG A 229 12.86 -6.47 -18.27
CA ARG A 229 13.45 -5.21 -18.69
C ARG A 229 13.29 -4.14 -17.63
N LYS A 230 14.26 -3.23 -17.54
CA LYS A 230 14.11 -2.10 -16.63
C LYS A 230 13.15 -1.06 -17.20
N VAL A 231 12.42 -0.42 -16.29
CA VAL A 231 11.51 0.67 -16.65
C VAL A 231 12.31 1.87 -17.16
N LYS A 232 13.45 2.13 -16.54
CA LYS A 232 14.35 3.17 -17.03
C LYS A 232 15.79 2.88 -16.62
N THR A 233 16.72 3.49 -17.33
CA THR A 233 18.10 3.59 -16.87
C THR A 233 18.20 4.84 -16.00
N HIS A 234 18.63 4.65 -14.76
CA HIS A 234 18.85 5.78 -13.84
C HIS A 234 19.92 6.70 -14.40
N ALA A 235 19.65 7.99 -14.38
CA ALA A 235 20.69 8.97 -14.66
C ALA A 235 21.67 8.98 -13.52
N GLU A 236 22.82 9.61 -13.75
CA GLU A 236 23.84 9.69 -12.72
C GLU A 236 23.30 10.42 -11.50
N GLY A 237 23.46 9.80 -10.33
CA GLY A 237 22.94 10.36 -9.08
C GLY A 237 21.44 10.23 -8.86
N GLU A 238 20.73 9.54 -9.76
CA GLU A 238 19.26 9.45 -9.71
C GLU A 238 18.78 8.29 -8.86
N SER A 239 17.84 8.59 -7.97
CA SER A 239 17.12 7.60 -7.18
C SER A 239 15.67 7.60 -7.67
N CYS A 240 15.06 6.42 -7.70
CA CYS A 240 13.66 6.24 -8.10
C CYS A 240 12.96 5.41 -7.05
N THR A 241 11.77 5.83 -6.62
CA THR A 241 11.11 5.16 -5.50
C THR A 241 9.61 5.42 -5.61
N HIS A 242 8.86 4.82 -4.68
CA HIS A 242 7.41 5.06 -4.55
C HIS A 242 6.62 4.65 -5.78
N GLU A 243 7.13 3.67 -6.52
CA GLU A 243 6.46 3.25 -7.75
C GLU A 243 5.10 2.62 -7.47
N PHE A 244 4.15 2.91 -8.34
CA PHE A 244 2.83 2.29 -8.28
C PHE A 244 2.18 2.34 -9.65
N TRP A 245 1.25 1.41 -9.90
CA TRP A 245 0.41 1.47 -11.08
C TRP A 245 -0.73 2.46 -10.89
N VAL A 246 -0.94 3.35 -11.85
CA VAL A 246 -2.24 4.05 -11.91
C VAL A 246 -3.29 2.94 -11.97
N PRO A 247 -4.38 3.05 -11.19
CA PRO A 247 -5.34 1.92 -11.08
C PRO A 247 -5.99 1.50 -12.37
N ASP A 248 -6.06 2.41 -13.35
CA ASP A 248 -6.57 2.02 -14.68
C ASP A 248 -5.53 1.28 -15.54
N GLY A 249 -4.29 1.18 -15.04
CA GLY A 249 -3.21 0.47 -15.75
C GLY A 249 -2.59 1.24 -16.91
N SER A 250 -2.89 2.53 -17.00
CA SER A 250 -2.39 3.37 -18.10
C SER A 250 -0.90 3.65 -18.03
N ALA A 251 -0.33 3.66 -16.81
CA ALA A 251 1.07 4.07 -16.61
C ALA A 251 1.57 3.57 -15.26
N LEU A 252 2.90 3.45 -15.16
CA LEU A 252 3.59 3.28 -13.88
C LEU A 252 4.10 4.66 -13.45
N VAL A 253 3.76 5.07 -12.23
CA VAL A 253 4.12 6.38 -11.70
C VAL A 253 5.17 6.16 -10.62
N TYR A 254 6.10 7.10 -10.49
CA TYR A 254 7.13 6.99 -9.46
C TYR A 254 7.70 8.36 -9.14
N VAL A 255 8.56 8.39 -8.12
CA VAL A 255 9.19 9.62 -7.67
C VAL A 255 10.68 9.56 -7.97
N SER A 256 11.22 10.65 -8.48
CA SER A 256 12.63 10.73 -8.86
C SER A 256 13.32 11.89 -8.14
N TYR A 257 14.56 11.68 -7.73
CA TYR A 257 15.36 12.79 -7.24
C TYR A 257 16.85 12.53 -7.50
N LEU A 258 17.65 13.58 -7.39
CA LEU A 258 19.07 13.53 -7.72
C LEU A 258 19.90 13.89 -6.51
N LYS A 259 21.01 13.19 -6.33
CA LYS A 259 21.96 13.59 -5.29
C LYS A 259 22.38 15.04 -5.54
N GLY A 260 22.47 15.82 -4.47
CA GLY A 260 22.89 17.22 -4.58
C GLY A 260 21.76 18.23 -4.59
N SER A 261 20.52 17.75 -4.60
CA SER A 261 19.36 18.63 -4.59
C SER A 261 18.23 17.95 -3.81
N PRO A 262 17.45 18.74 -3.04
CA PRO A 262 16.37 18.16 -2.25
C PRO A 262 15.07 17.96 -3.04
N ASP A 263 15.03 18.49 -4.25
CA ASP A 263 13.79 18.55 -5.05
C ASP A 263 13.37 17.17 -5.50
N ARG A 264 12.08 16.89 -5.37
CA ARG A 264 11.49 15.63 -5.79
C ARG A 264 10.57 15.89 -6.97
N PHE A 265 10.46 14.90 -7.85
CA PHE A 265 9.63 15.00 -9.06
C PHE A 265 8.79 13.75 -9.28
N ILE A 266 7.53 13.95 -9.67
CA ILE A 266 6.67 12.84 -10.10
C ILE A 266 6.91 12.56 -11.59
N TYR A 267 7.12 11.29 -11.91
CA TYR A 267 7.36 10.83 -13.29
C TYR A 267 6.33 9.78 -13.64
N SER A 268 6.11 9.62 -14.94
CA SER A 268 5.23 8.57 -15.45
C SER A 268 6.03 7.79 -16.47
N ALA A 269 5.82 6.48 -16.54
CA ALA A 269 6.40 5.66 -17.60
C ALA A 269 5.30 4.92 -18.34
N ASP A 270 5.30 4.98 -19.68
CA ASP A 270 4.36 4.18 -20.45
C ASP A 270 4.88 2.76 -20.54
N PRO A 271 4.05 1.78 -20.20
CA PRO A 271 4.53 0.40 -20.14
C PRO A 271 4.92 -0.19 -21.50
N GLU A 272 4.29 0.27 -22.57
CA GLU A 272 4.59 -0.25 -23.91
C GLU A 272 5.80 0.45 -24.55
N THR A 273 5.80 1.76 -24.43
CA THR A 273 6.77 2.61 -25.05
C THR A 273 8.07 2.74 -24.20
N LEU A 274 7.91 2.57 -22.90
CA LEU A 274 8.97 2.86 -21.89
C LEU A 274 9.50 4.29 -21.92
N GLU A 275 8.75 5.20 -22.54
CA GLU A 275 9.03 6.62 -22.38
C GLU A 275 8.74 7.04 -20.95
N ASN A 276 9.74 7.63 -20.32
CA ASN A 276 9.58 8.21 -18.99
C ASN A 276 9.47 9.73 -19.09
N ARG A 277 8.43 10.29 -18.48
CA ARG A 277 8.18 11.74 -18.55
C ARG A 277 8.05 12.37 -17.18
N GLN A 278 8.69 13.52 -16.99
CA GLN A 278 8.56 14.30 -15.76
C GLN A 278 7.23 15.05 -15.78
N LEU A 279 6.41 14.82 -14.76
CA LEU A 279 5.09 15.43 -14.72
C LEU A 279 5.09 16.74 -13.94
N THR A 280 5.68 16.74 -12.74
CA THR A 280 5.65 17.90 -11.86
C THR A 280 6.62 17.74 -10.69
N SER A 281 6.96 18.85 -10.05
CA SER A 281 7.76 18.80 -8.84
C SER A 281 6.79 18.54 -7.69
N MET A 282 7.31 18.09 -6.55
CA MET A 282 6.48 17.85 -5.37
C MET A 282 7.29 18.11 -4.10
N PRO A 283 6.60 18.43 -2.99
CA PRO A 283 7.31 18.39 -1.71
C PRO A 283 7.71 16.96 -1.38
N ALA A 284 8.72 16.82 -0.53
CA ALA A 284 9.16 15.49 -0.10
C ALA A 284 8.03 14.80 0.64
N CYS A 285 7.56 13.68 0.09
CA CYS A 285 6.51 12.87 0.70
C CYS A 285 6.99 11.43 0.87
N SER A 286 6.33 10.70 1.78
CA SER A 286 6.78 9.35 2.13
C SER A 286 6.14 8.29 1.25
N HIS A 287 5.03 8.65 0.61
CA HIS A 287 4.25 7.76 -0.26
C HIS A 287 3.59 8.61 -1.34
N LEU A 288 3.16 7.95 -2.41
CA LEU A 288 2.37 8.60 -3.46
C LEU A 288 1.29 7.65 -3.96
N MET A 289 0.12 8.19 -4.22
CA MET A 289 -0.99 7.39 -4.74
C MET A 289 -1.88 8.24 -5.63
N SER A 290 -2.58 7.61 -6.57
CA SER A 290 -3.51 8.35 -7.44
C SER A 290 -4.95 7.87 -7.32
N ASN A 291 -5.87 8.64 -7.92
CA ASN A 291 -7.24 8.19 -8.17
C ASN A 291 -7.22 7.27 -9.40
N TYR A 292 -8.40 6.86 -9.85
CA TYR A 292 -8.46 5.76 -10.83
C TYR A 292 -7.73 6.04 -12.15
N ASP A 293 -7.87 7.25 -12.69
CA ASP A 293 -7.28 7.58 -13.99
C ASP A 293 -6.01 8.43 -13.90
N GLY A 294 -5.50 8.64 -12.68
CA GLY A 294 -4.27 9.40 -12.50
C GLY A 294 -4.43 10.90 -12.70
N SER A 295 -5.66 11.39 -12.71
CA SER A 295 -5.90 12.84 -12.81
C SER A 295 -5.67 13.58 -11.49
N LEU A 296 -5.71 12.85 -10.38
CA LEU A 296 -5.38 13.38 -9.06
C LEU A 296 -4.39 12.47 -8.37
N MET A 297 -3.44 13.07 -7.64
CA MET A 297 -2.54 12.29 -6.80
C MET A 297 -2.49 12.87 -5.40
N VAL A 298 -2.09 12.02 -4.46
CA VAL A 298 -2.00 12.46 -3.06
C VAL A 298 -0.72 11.93 -2.43
N GLY A 299 -0.09 12.78 -1.61
CA GLY A 299 1.13 12.36 -0.92
C GLY A 299 1.17 12.89 0.52
N ASP A 300 1.93 12.20 1.36
CA ASP A 300 2.03 12.57 2.78
C ASP A 300 3.36 13.19 3.09
N GLY A 301 3.35 14.46 3.50
CA GLY A 301 4.60 15.17 3.84
C GLY A 301 5.49 14.35 4.76
N SER A 302 6.78 14.30 4.46
CA SER A 302 7.68 13.39 5.15
C SER A 302 8.20 13.92 6.48
N ASP A 303 8.58 12.97 7.33
CA ASP A 303 9.42 13.22 8.50
C ASP A 303 10.80 13.72 8.09
N ALA A 304 11.49 14.36 9.03
CA ALA A 304 12.85 14.81 8.79
C ALA A 304 13.78 13.60 8.72
N GLU A 317 8.93 15.69 12.36
CA GLU A 317 7.99 16.80 12.46
C GLU A 317 8.03 17.73 11.24
N ASN A 318 8.87 17.41 10.25
CA ASN A 318 9.23 18.39 9.21
C ASN A 318 8.04 18.92 8.41
N ASP A 319 7.22 17.99 7.92
CA ASP A 319 6.11 18.36 7.06
C ASP A 319 4.89 17.56 7.45
N PRO A 320 3.94 18.19 8.20
CA PRO A 320 2.77 17.48 8.72
C PRO A 320 1.59 17.41 7.70
N PHE A 321 1.81 17.91 6.49
CA PHE A 321 0.71 18.12 5.55
C PHE A 321 0.48 16.98 4.57
N LEU A 322 -0.78 16.86 4.16
CA LEU A 322 -1.18 16.03 3.01
C LEU A 322 -1.35 16.94 1.81
N TYR A 323 -0.82 16.52 0.65
CA TYR A 323 -0.87 17.31 -0.56
C TYR A 323 -1.66 16.60 -1.63
N VAL A 324 -2.47 17.35 -2.39
CA VAL A 324 -3.16 16.78 -3.54
C VAL A 324 -2.62 17.47 -4.78
N PHE A 325 -2.30 16.66 -5.79
CA PHE A 325 -1.76 17.16 -7.05
C PHE A 325 -2.81 16.99 -8.11
N ASN A 326 -3.25 18.10 -8.70
CA ASN A 326 -4.20 18.06 -9.81
C ASN A 326 -3.41 17.96 -11.10
N MET A 327 -3.48 16.78 -11.71
CA MET A 327 -2.61 16.47 -12.84
C MET A 327 -3.15 17.02 -14.15
N LYS A 328 -4.38 17.53 -14.14
CA LYS A 328 -4.94 18.16 -15.34
C LYS A 328 -4.49 19.61 -15.43
N ASN A 329 -4.44 20.23 -14.25
CA ASN A 329 -4.14 21.65 -14.00
C ASN A 329 -2.64 21.91 -13.83
N GLY A 330 -1.92 20.90 -13.32
CA GLY A 330 -0.56 21.12 -12.84
C GLY A 330 -0.51 21.86 -11.51
N THR A 331 -1.63 21.89 -10.78
CA THR A 331 -1.66 22.60 -9.50
C THR A 331 -1.46 21.69 -8.29
N GLN A 332 -0.97 22.28 -7.20
CA GLN A 332 -0.68 21.55 -5.96
C GLN A 332 -1.48 22.17 -4.83
N HIS A 333 -2.00 21.33 -3.93
CA HIS A 333 -2.94 21.75 -2.91
C HIS A 333 -2.60 21.17 -1.55
N ARG A 334 -2.36 22.04 -0.58
CA ARG A 334 -2.12 21.60 0.78
C ARG A 334 -3.51 21.46 1.42
N VAL A 335 -4.00 20.22 1.53
CA VAL A 335 -5.42 20.02 1.80
C VAL A 335 -5.78 19.86 3.27
N ALA A 336 -4.86 19.28 4.02
CA ALA A 336 -5.06 19.04 5.46
C ALA A 336 -3.77 18.57 6.08
N ARG A 337 -3.76 18.54 7.41
CA ARG A 337 -2.62 18.02 8.16
C ARG A 337 -2.85 16.54 8.44
N HIS A 338 -1.83 15.71 8.23
CA HIS A 338 -1.88 14.37 8.82
C HIS A 338 -1.38 14.39 10.28
N ASP A 339 -0.37 15.23 10.56
CA ASP A 339 0.19 15.34 11.93
C ASP A 339 0.65 14.03 12.57
N THR A 340 1.05 13.05 11.76
CA THR A 340 1.56 11.81 12.34
C THR A 340 2.93 12.03 12.98
N SER A 341 3.23 11.22 14.00
CA SER A 341 4.51 11.28 14.72
C SER A 341 5.57 10.43 14.04
N TRP A 342 5.12 9.49 13.18
CA TRP A 342 5.96 8.47 12.57
C TRP A 342 6.54 7.44 13.54
N LYS A 343 6.04 7.45 14.78
CA LYS A 343 6.60 6.58 15.82
C LYS A 343 6.21 5.15 15.56
N VAL A 344 6.99 4.23 16.13
CA VAL A 344 6.69 2.81 16.09
C VAL A 344 5.68 2.47 17.18
N PHE A 345 4.62 1.74 16.82
CA PHE A 345 3.78 1.15 17.86
C PHE A 345 3.87 -0.37 17.75
N GLU A 346 4.08 -1.02 18.90
CA GLU A 346 4.17 -2.50 18.98
C GLU A 346 5.09 -3.12 17.90
N GLY A 347 6.23 -2.50 17.72
CA GLY A 347 7.26 -3.02 16.80
C GLY A 347 7.00 -2.75 15.33
N ASP A 348 5.85 -2.17 15.00
CA ASP A 348 5.46 -2.00 13.62
C ASP A 348 5.86 -0.63 13.06
N ARG A 349 6.68 -0.65 12.02
CA ARG A 349 7.25 0.55 11.45
C ARG A 349 6.37 1.17 10.37
N GLN A 350 5.21 0.58 10.10
CA GLN A 350 4.30 1.14 9.09
C GLN A 350 3.04 1.71 9.70
N VAL A 351 2.77 1.36 10.96
CA VAL A 351 1.45 1.64 11.56
C VAL A 351 1.08 3.13 11.60
N THR A 352 2.08 4.01 11.80
CA THR A 352 1.79 5.45 11.83
C THR A 352 1.95 6.12 10.47
N HIS A 353 2.25 5.34 9.42
CA HIS A 353 2.32 5.92 8.06
C HIS A 353 0.93 6.37 7.61
N PRO A 354 0.80 7.63 7.15
CA PRO A 354 -0.55 8.06 6.74
C PRO A 354 -1.12 7.24 5.58
N HIS A 355 -0.27 6.89 4.61
CA HIS A 355 -0.67 6.01 3.48
C HIS A 355 -1.95 6.52 2.79
N PRO A 356 -1.94 7.78 2.34
CA PRO A 356 -3.21 8.33 1.83
C PRO A 356 -3.67 7.69 0.52
N SER A 357 -4.99 7.58 0.36
CA SER A 357 -5.61 7.22 -0.91
C SER A 357 -6.96 7.97 -1.02
N PHE A 358 -7.58 7.94 -2.20
CA PHE A 358 -8.85 8.60 -2.40
C PHE A 358 -10.02 7.67 -2.12
N THR A 359 -11.10 8.21 -1.57
CA THR A 359 -12.37 7.50 -1.51
C THR A 359 -12.84 7.24 -2.96
N PRO A 360 -13.71 6.25 -3.16
CA PRO A 360 -14.14 5.94 -4.53
C PRO A 360 -14.74 7.14 -5.29
N ASP A 361 -15.32 8.10 -4.57
CA ASP A 361 -15.93 9.29 -5.19
C ASP A 361 -14.96 10.45 -5.44
N ASP A 362 -13.71 10.27 -5.03
CA ASP A 362 -12.63 11.27 -5.18
C ASP A 362 -12.87 12.55 -4.36
N LYS A 363 -13.77 12.50 -3.38
CA LYS A 363 -14.10 13.71 -2.61
C LYS A 363 -13.32 13.82 -1.31
N GLN A 364 -12.74 12.70 -0.88
CA GLN A 364 -12.06 12.64 0.41
C GLN A 364 -10.76 11.85 0.30
N ILE A 365 -9.87 12.07 1.25
CA ILE A 365 -8.73 11.18 1.38
C ILE A 365 -8.75 10.45 2.72
N LEU A 366 -8.37 9.18 2.69
CA LEU A 366 -8.30 8.33 3.89
C LEU A 366 -6.86 8.18 4.31
N PHE A 367 -6.59 8.35 5.61
CA PHE A 367 -5.21 8.20 6.10
C PHE A 367 -5.19 7.80 7.56
N THR A 368 -4.06 7.25 7.99
CA THR A 368 -3.80 7.01 9.44
C THR A 368 -2.98 8.15 10.07
N SER A 369 -3.27 8.46 11.33
CA SER A 369 -2.37 9.29 12.12
C SER A 369 -2.56 8.94 13.60
N ASP A 370 -1.49 9.15 14.39
CA ASP A 370 -1.56 9.05 15.84
C ASP A 370 -1.63 10.41 16.54
N VAL A 371 -2.00 11.45 15.80
CA VAL A 371 -2.09 12.81 16.34
C VAL A 371 -2.86 12.91 17.67
N HIS A 372 -3.89 12.08 17.84
CA HIS A 372 -4.74 12.17 19.03
C HIS A 372 -4.50 11.08 20.08
N GLY A 373 -3.42 10.32 19.90
CA GLY A 373 -3.04 9.31 20.88
C GLY A 373 -2.44 8.10 20.19
N LYS A 374 -3.26 7.09 19.97
CA LYS A 374 -2.81 5.92 19.22
C LYS A 374 -3.20 6.14 17.76
N PRO A 375 -2.64 5.32 16.85
CA PRO A 375 -3.08 5.36 15.45
C PRO A 375 -4.60 5.28 15.30
N ALA A 376 -5.14 6.13 14.42
CA ALA A 376 -6.58 6.16 14.13
C ALA A 376 -6.77 6.46 12.65
N LEU A 377 -7.98 6.23 12.17
CA LEU A 377 -8.35 6.50 10.77
C LEU A 377 -9.07 7.84 10.65
N TYR A 378 -8.73 8.57 9.59
CA TYR A 378 -9.29 9.90 9.30
C TYR A 378 -9.69 9.99 7.84
N LEU A 379 -10.77 10.74 7.61
CA LEU A 379 -11.18 11.15 6.26
C LEU A 379 -11.14 12.69 6.18
N ALA A 380 -10.31 13.20 5.27
CA ALA A 380 -10.28 14.65 5.00
C ALA A 380 -11.02 14.99 3.71
N THR A 381 -11.90 16.00 3.78
CA THR A 381 -12.69 16.42 2.60
C THR A 381 -11.88 17.37 1.76
N LEU A 382 -11.77 17.05 0.47
CA LEU A 382 -10.99 17.90 -0.42
C LEU A 382 -11.73 19.23 -0.63
N PRO A 383 -10.99 20.36 -0.52
CA PRO A 383 -11.56 21.68 -0.80
C PRO A 383 -11.99 21.84 -2.24
N GLU A 384 -13.03 22.65 -2.49
CA GLU A 384 -13.49 22.93 -3.85
C GLU A 384 -12.35 23.45 -4.72
N SER A 385 -11.40 24.15 -4.10
CA SER A 385 -10.26 24.75 -4.80
C SER A 385 -9.35 23.75 -5.54
N VAL A 386 -9.44 22.46 -5.19
CA VAL A 386 -8.69 21.44 -5.91
C VAL A 386 -9.05 21.43 -7.41
N TRP A 387 -10.32 21.70 -7.70
CA TRP A 387 -10.83 21.68 -9.06
C TRP A 387 -11.12 23.11 -9.56
N LYS A 388 -10.55 24.10 -8.88
CA LYS A 388 -10.92 25.52 -9.01
C LYS A 388 -12.44 25.74 -8.81
#